data_8OKS
#
_entry.id   8OKS
#
_cell.length_a   51.084
_cell.length_b   69.329
_cell.length_c   87.427
_cell.angle_alpha   90.00
_cell.angle_beta   90.00
_cell.angle_gamma   90.00
#
_symmetry.space_group_name_H-M   'P 21 21 21'
#
loop_
_entity.id
_entity.type
_entity.pdbx_description
1 polymer 'Peptidase S74 domain-containing protein'
2 water water
#
_entity_poly.entity_id   1
_entity_poly.type   'polypeptide(L)'
_entity_poly.pdbx_seq_one_letter_code
;HHHHHHASAPCDSGWTLINKGDPFCAKQQSVTGTNFATSMTQCLNNGGKLCDLQEAVGMCQTGFIPSNTTLWISQLADNS
SAHVINCTSGSWSAGFYGFGVTVDGSNPILPYCCKGRR
;
_entity_poly.pdbx_strand_id   B,C,A
#
# COMPACT_ATOMS: atom_id res chain seq x y z
N SER A 8 -21.95 5.85 -16.73
CA SER A 8 -21.08 7.00 -16.54
C SER A 8 -19.64 6.69 -16.92
N ALA A 9 -18.76 7.67 -16.77
CA ALA A 9 -17.37 7.44 -17.11
C ALA A 9 -16.62 6.87 -15.91
N PRO A 10 -15.79 5.84 -16.12
CA PRO A 10 -15.06 5.25 -14.99
C PRO A 10 -13.99 6.17 -14.42
N CYS A 11 -13.39 7.04 -15.25
CA CYS A 11 -12.34 7.93 -14.81
C CYS A 11 -12.73 9.38 -15.09
N ASP A 12 -12.04 10.29 -14.42
CA ASP A 12 -12.22 11.71 -14.68
C ASP A 12 -11.48 12.10 -15.95
N SER A 13 -11.81 13.29 -16.45
CA SER A 13 -11.13 13.83 -17.63
C SER A 13 -9.63 13.87 -17.40
N GLY A 14 -8.89 13.20 -18.30
CA GLY A 14 -7.46 13.10 -18.21
C GLY A 14 -6.94 11.77 -17.69
N TRP A 15 -7.75 11.07 -16.90
CA TRP A 15 -7.36 9.79 -16.33
C TRP A 15 -7.82 8.64 -17.23
N THR A 16 -7.01 7.59 -17.28
CA THR A 16 -7.26 6.43 -18.11
C THR A 16 -7.57 5.23 -17.23
N LEU A 17 -8.58 4.46 -17.65
CA LEU A 17 -8.90 3.21 -16.97
C LEU A 17 -7.86 2.16 -17.33
N ILE A 18 -7.22 1.60 -16.30
CA ILE A 18 -6.21 0.52 -16.51
C ILE A 18 -6.92 -0.81 -16.25
N ASN A 19 -6.94 -1.70 -17.26
CA ASN A 19 -7.63 -3.01 -17.11
C ASN A 19 -6.63 -4.07 -16.64
N LYS A 20 -6.03 -3.86 -15.48
CA LYS A 20 -5.11 -4.83 -14.90
C LYS A 20 -5.33 -4.84 -13.40
N GLY A 21 -5.38 -6.04 -12.82
CA GLY A 21 -5.74 -6.15 -11.43
C GLY A 21 -7.14 -5.62 -11.19
N ASP A 22 -7.34 -4.98 -10.05
CA ASP A 22 -8.57 -4.25 -9.80
C ASP A 22 -8.56 -2.99 -10.66
N PRO A 23 -9.34 -2.92 -11.75
CA PRO A 23 -9.18 -1.84 -12.72
C PRO A 23 -9.28 -0.47 -12.07
N PHE A 24 -8.36 0.42 -12.43
CA PHE A 24 -8.16 1.65 -11.68
C PHE A 24 -7.80 2.80 -12.61
N CYS A 25 -8.03 4.03 -12.17
CA CYS A 25 -7.75 5.19 -13.01
C CYS A 25 -6.35 5.71 -12.74
N ALA A 26 -5.64 6.09 -13.82
CA ALA A 26 -4.26 6.51 -13.71
C ALA A 26 -4.01 7.73 -14.59
N LYS A 27 -2.92 8.43 -14.31
CA LYS A 27 -2.60 9.63 -15.08
C LYS A 27 -1.11 9.98 -14.92
N GLN A 28 -0.42 10.17 -16.03
CA GLN A 28 0.93 10.71 -16.00
C GLN A 28 0.88 12.18 -15.64
N GLN A 29 1.53 12.57 -14.55
CA GLN A 29 1.41 13.93 -14.04
C GLN A 29 2.41 14.90 -14.64
N SER A 30 3.54 14.43 -15.16
CA SER A 30 4.49 15.32 -15.81
C SER A 30 5.43 14.51 -16.69
N VAL A 31 6.03 15.20 -17.67
CA VAL A 31 6.89 14.57 -18.66
C VAL A 31 8.38 14.70 -18.33
N THR A 32 8.72 15.46 -17.28
CA THR A 32 10.10 15.65 -16.89
C THR A 32 10.34 15.07 -15.51
N GLY A 33 11.61 14.77 -15.22
CA GLY A 33 11.99 14.19 -13.95
C GLY A 33 11.54 15.00 -12.76
N THR A 34 10.80 14.37 -11.86
CA THR A 34 10.30 15.01 -10.66
C THR A 34 10.69 14.18 -9.45
N ASN A 35 11.10 14.86 -8.38
CA ASN A 35 11.52 14.14 -7.19
C ASN A 35 10.30 13.55 -6.47
N PHE A 36 10.57 12.80 -5.41
CA PHE A 36 9.51 12.04 -4.73
C PHE A 36 8.48 12.97 -4.09
N ALA A 37 8.95 13.98 -3.35
CA ALA A 37 8.05 14.83 -2.59
C ALA A 37 7.18 15.68 -3.52
N THR A 38 7.77 16.27 -4.56
CA THR A 38 6.99 17.05 -5.51
C THR A 38 6.02 16.16 -6.29
N SER A 39 6.43 14.93 -6.60
CA SER A 39 5.52 13.98 -7.25
C SER A 39 4.30 13.71 -6.38
N MET A 40 4.55 13.39 -5.11
CA MET A 40 3.47 13.12 -4.18
C MET A 40 2.56 14.33 -4.00
N THR A 41 3.15 15.53 -3.93
CA THR A 41 2.35 16.74 -3.74
C THR A 41 1.50 17.03 -4.97
N GLN A 42 2.06 16.86 -6.18
CA GLN A 42 1.27 17.05 -7.39
C GLN A 42 0.08 16.09 -7.42
N CYS A 43 0.35 14.80 -7.16
CA CYS A 43 -0.73 13.82 -7.15
C CYS A 43 -1.79 14.17 -6.12
N LEU A 44 -1.37 14.48 -4.90
CA LEU A 44 -2.32 14.82 -3.84
C LEU A 44 -3.14 16.06 -4.18
N ASN A 45 -2.53 17.02 -4.87
CA ASN A 45 -3.24 18.24 -5.23
C ASN A 45 -4.09 18.09 -6.49
N ASN A 46 -3.98 16.97 -7.19
CA ASN A 46 -4.81 16.71 -8.37
C ASN A 46 -5.71 15.49 -8.19
N GLY A 47 -6.12 15.21 -6.96
CA GLY A 47 -7.14 14.22 -6.71
C GLY A 47 -6.68 12.78 -6.70
N GLY A 48 -5.40 12.53 -6.44
CA GLY A 48 -4.91 11.16 -6.42
C GLY A 48 -3.66 10.98 -5.58
N LYS A 49 -3.03 9.82 -5.70
CA LYS A 49 -1.81 9.52 -4.97
C LYS A 49 -0.85 8.79 -5.89
N LEU A 50 0.42 8.77 -5.49
CA LEU A 50 1.42 8.03 -6.25
C LEU A 50 1.00 6.56 -6.34
N CYS A 51 1.09 6.01 -7.55
CA CYS A 51 0.71 4.62 -7.75
C CYS A 51 1.59 3.70 -6.92
N ASP A 52 1.06 2.53 -6.60
CA ASP A 52 1.82 1.55 -5.84
C ASP A 52 2.51 0.57 -6.79
N LEU A 53 3.14 -0.45 -6.22
CA LEU A 53 3.93 -1.39 -6.99
C LEU A 53 3.07 -2.11 -8.03
N GLN A 54 1.97 -2.72 -7.59
CA GLN A 54 1.14 -3.51 -8.50
C GLN A 54 0.44 -2.64 -9.53
N GLU A 55 0.09 -1.39 -9.17
CA GLU A 55 -0.49 -0.50 -10.16
C GLU A 55 0.51 -0.16 -11.26
N ALA A 56 1.77 0.06 -10.90
CA ALA A 56 2.80 0.29 -11.91
C ALA A 56 3.02 -0.94 -12.77
N VAL A 57 3.06 -2.13 -12.14
CA VAL A 57 3.25 -3.36 -12.89
C VAL A 57 2.10 -3.56 -13.88
N GLY A 58 0.87 -3.28 -13.45
CA GLY A 58 -0.25 -3.39 -14.36
C GLY A 58 -0.20 -2.39 -15.49
N MET A 59 0.11 -1.12 -15.17
CA MET A 59 0.22 -0.10 -16.19
C MET A 59 1.28 -0.43 -17.22
N CYS A 60 2.35 -1.13 -16.80
CA CYS A 60 3.38 -1.57 -17.75
C CYS A 60 2.89 -2.75 -18.58
N GLN A 61 2.20 -3.71 -17.95
CA GLN A 61 1.77 -4.90 -18.67
C GLN A 61 0.67 -4.59 -19.66
N THR A 62 -0.16 -3.58 -19.39
CA THR A 62 -1.19 -3.18 -20.34
C THR A 62 -0.67 -2.27 -21.45
N GLY A 63 0.57 -1.80 -21.34
CA GLY A 63 1.12 -0.89 -22.31
C GLY A 63 0.86 0.58 -22.04
N PHE A 64 0.14 0.91 -20.95
CA PHE A 64 -0.06 2.30 -20.59
C PHE A 64 1.28 2.99 -20.36
N ILE A 65 2.13 2.39 -19.54
CA ILE A 65 3.51 2.84 -19.39
C ILE A 65 4.27 2.45 -20.66
N PRO A 66 4.89 3.39 -21.36
CA PRO A 66 5.73 3.02 -22.50
C PRO A 66 6.95 2.24 -22.04
N SER A 67 7.54 1.51 -22.98
CA SER A 67 8.73 0.74 -22.66
C SER A 67 9.89 1.68 -22.35
N ASN A 68 10.75 1.24 -21.42
CA ASN A 68 11.88 2.01 -20.92
C ASN A 68 11.40 3.30 -20.24
N THR A 69 10.62 3.11 -19.17
CA THR A 69 10.11 4.23 -18.38
C THR A 69 10.28 3.93 -16.90
N THR A 70 10.89 4.87 -16.19
CA THR A 70 11.08 4.76 -14.74
C THR A 70 10.11 5.70 -14.04
N LEU A 71 9.46 5.21 -12.98
CA LEU A 71 8.50 6.04 -12.25
C LEU A 71 8.56 5.72 -10.77
N TRP A 72 8.27 6.72 -9.95
CA TRP A 72 8.14 6.54 -8.52
C TRP A 72 6.97 5.59 -8.22
N ILE A 73 7.06 4.91 -7.08
CA ILE A 73 5.91 4.24 -6.50
C ILE A 73 5.73 4.73 -5.08
N SER A 74 4.67 4.28 -4.41
CA SER A 74 4.31 4.82 -3.10
C SER A 74 5.11 4.21 -1.96
N GLN A 75 5.87 3.15 -2.19
CA GLN A 75 6.58 2.49 -1.10
C GLN A 75 7.89 3.19 -0.80
N LEU A 76 8.30 3.12 0.47
CA LEU A 76 9.61 3.67 0.88
C LEU A 76 10.65 2.54 0.85
N ALA A 77 11.92 2.85 0.55
CA ALA A 77 13.00 1.85 0.64
C ALA A 77 13.67 2.04 1.99
N ASP A 78 13.58 3.27 2.52
CA ASP A 78 14.07 3.57 3.89
C ASP A 78 13.48 4.94 4.25
N ASN A 79 13.95 5.54 5.34
CA ASN A 79 13.40 6.84 5.80
C ASN A 79 13.72 7.95 4.79
N SER A 80 14.77 7.78 3.99
CA SER A 80 15.20 8.87 3.06
C SER A 80 14.99 8.48 1.60
N SER A 81 14.81 7.19 1.30
CA SER A 81 14.65 6.79 -0.08
C SER A 81 13.27 6.23 -0.34
N ALA A 82 12.89 6.23 -1.62
CA ALA A 82 11.67 5.59 -2.09
C ALA A 82 12.01 4.68 -3.26
N HIS A 83 11.16 3.69 -3.47
CA HIS A 83 11.35 2.74 -4.55
C HIS A 83 10.85 3.33 -5.87
N VAL A 84 11.50 2.92 -6.96
CA VAL A 84 11.08 3.22 -8.31
C VAL A 84 10.90 1.90 -9.05
N ILE A 85 10.05 1.94 -10.06
CA ILE A 85 9.84 0.81 -10.96
C ILE A 85 10.23 1.25 -12.36
N ASN A 86 11.11 0.48 -13.00
CA ASN A 86 11.40 0.65 -14.41
C ASN A 86 10.65 -0.41 -15.21
N CYS A 87 9.98 0.02 -16.26
CA CYS A 87 9.22 -0.82 -17.17
C CYS A 87 9.94 -0.82 -18.52
N THR A 88 10.42 -1.98 -18.93
CA THR A 88 10.96 -2.14 -20.28
C THR A 88 10.45 -3.46 -20.84
N SER A 89 10.20 -3.48 -22.15
CA SER A 89 9.39 -4.54 -22.75
C SER A 89 8.13 -4.70 -21.93
N GLY A 90 7.77 -5.94 -21.62
CA GLY A 90 6.66 -6.21 -20.74
C GLY A 90 7.02 -6.38 -19.28
N SER A 91 8.27 -6.15 -18.90
CA SER A 91 8.77 -6.56 -17.60
C SER A 91 9.24 -5.36 -16.78
N TRP A 92 9.26 -5.57 -15.46
CA TRP A 92 9.54 -4.51 -14.50
C TRP A 92 10.72 -4.87 -13.62
N SER A 93 11.42 -3.85 -13.15
CA SER A 93 12.50 -3.99 -12.20
C SER A 93 12.41 -2.90 -11.15
N ALA A 94 12.96 -3.16 -9.98
CA ALA A 94 12.80 -2.29 -8.82
C ALA A 94 14.13 -1.66 -8.45
N GLY A 95 14.12 -0.35 -8.23
CA GLY A 95 15.26 0.36 -7.69
C GLY A 95 14.84 1.22 -6.52
N PHE A 96 15.81 1.93 -5.94
CA PHE A 96 15.50 2.87 -4.88
C PHE A 96 16.40 4.09 -4.99
N TYR A 97 15.84 5.25 -4.67
CA TYR A 97 16.54 6.51 -4.80
C TYR A 97 16.10 7.46 -3.70
N GLY A 98 17.02 8.35 -3.31
CA GLY A 98 16.67 9.37 -2.34
C GLY A 98 15.55 10.28 -2.83
N PHE A 99 14.91 10.95 -1.87
CA PHE A 99 13.72 11.73 -2.17
C PHE A 99 14.00 12.82 -3.20
N GLY A 100 15.22 13.34 -3.23
CA GLY A 100 15.57 14.43 -4.11
C GLY A 100 16.11 14.02 -5.47
N VAL A 101 16.11 12.73 -5.79
CA VAL A 101 16.64 12.26 -7.06
C VAL A 101 15.60 12.47 -8.15
N THR A 102 16.07 12.83 -9.34
CA THR A 102 15.22 13.16 -10.48
C THR A 102 15.41 12.22 -11.67
N VAL A 103 16.60 11.63 -11.82
CA VAL A 103 16.90 10.76 -12.96
C VAL A 103 17.31 9.38 -12.44
N ASP A 104 16.89 8.34 -13.16
CA ASP A 104 17.31 6.96 -12.90
C ASP A 104 18.21 6.54 -14.06
N GLY A 105 19.52 6.53 -13.83
CA GLY A 105 20.47 6.29 -14.89
C GLY A 105 20.39 7.38 -15.94
N SER A 106 19.88 7.04 -17.12
CA SER A 106 19.54 8.02 -18.15
C SER A 106 18.03 8.18 -18.30
N ASN A 107 17.25 7.60 -17.38
CA ASN A 107 15.80 7.66 -17.45
C ASN A 107 15.30 8.70 -16.47
N PRO A 108 14.52 9.69 -16.91
CA PRO A 108 13.88 10.59 -15.95
C PRO A 108 12.84 9.86 -15.11
N ILE A 109 12.80 10.20 -13.83
CA ILE A 109 11.82 9.59 -12.92
C ILE A 109 10.52 10.37 -13.04
N LEU A 110 9.52 9.76 -13.67
CA LEU A 110 8.28 10.47 -13.94
C LEU A 110 7.23 10.19 -12.87
N PRO A 111 6.43 11.20 -12.51
CA PRO A 111 5.34 10.96 -11.55
C PRO A 111 4.07 10.47 -12.20
N TYR A 112 3.50 9.40 -11.65
CA TYR A 112 2.21 8.88 -12.06
C TYR A 112 1.27 8.84 -10.88
N CYS A 113 0.04 9.30 -11.08
CA CYS A 113 -0.99 9.31 -10.07
C CYS A 113 -2.01 8.21 -10.36
N CYS A 114 -2.56 7.65 -9.29
CA CYS A 114 -3.52 6.56 -9.38
C CYS A 114 -4.64 6.78 -8.39
N LYS A 115 -5.83 6.33 -8.75
CA LYS A 115 -7.00 6.48 -7.91
C LYS A 115 -8.05 5.44 -8.31
N GLY A 116 -9.10 5.35 -7.49
CA GLY A 116 -10.14 4.38 -7.73
C GLY A 116 -11.17 4.86 -8.74
N ARG A 117 -11.77 3.90 -9.44
CA ARG A 117 -12.72 4.20 -10.50
C ARG A 117 -14.10 4.51 -9.92
N ARG A 118 -14.97 5.08 -10.76
CA ARG A 118 -16.36 5.40 -10.34
C ARG A 118 -16.33 6.00 -8.92
N SER B 8 -26.10 11.31 3.00
CA SER B 8 -25.16 11.91 2.04
C SER B 8 -23.84 12.25 2.73
N ALA B 9 -23.63 11.68 3.91
CA ALA B 9 -22.39 11.92 4.63
C ALA B 9 -21.24 11.20 3.93
N PRO B 10 -20.06 11.83 3.84
CA PRO B 10 -18.94 11.16 3.14
C PRO B 10 -18.21 10.14 3.99
N CYS B 11 -18.44 10.10 5.30
CA CYS B 11 -17.73 9.18 6.18
C CYS B 11 -18.70 8.57 7.18
N ASP B 12 -18.26 7.48 7.80
CA ASP B 12 -18.95 6.97 8.97
C ASP B 12 -18.87 8.01 10.10
N SER B 13 -19.82 7.92 11.02
CA SER B 13 -19.79 8.75 12.21
C SER B 13 -18.54 8.45 13.02
N GLY B 14 -17.86 9.49 13.49
CA GLY B 14 -16.57 9.35 14.13
C GLY B 14 -15.38 9.49 13.20
N TRP B 15 -15.60 9.47 11.89
CA TRP B 15 -14.56 9.64 10.90
C TRP B 15 -14.68 11.00 10.23
N THR B 16 -13.57 11.47 9.66
CA THR B 16 -13.48 12.82 9.10
C THR B 16 -12.92 12.75 7.69
N LEU B 17 -13.53 13.54 6.78
CA LEU B 17 -13.10 13.59 5.39
C LEU B 17 -11.81 14.42 5.28
N ILE B 18 -10.81 13.80 4.68
CA ILE B 18 -9.51 14.47 4.41
C ILE B 18 -9.47 14.75 2.91
N ASN B 19 -9.39 16.01 2.53
CA ASN B 19 -9.43 16.41 1.10
C ASN B 19 -8.01 16.49 0.50
N LYS B 20 -7.31 15.36 0.40
CA LYS B 20 -5.97 15.30 -0.16
C LYS B 20 -5.86 14.02 -0.97
N GLY B 21 -5.39 14.15 -2.21
CA GLY B 21 -5.53 13.05 -3.14
C GLY B 21 -7.00 12.83 -3.44
N ASP B 22 -7.38 11.56 -3.60
CA ASP B 22 -8.79 11.21 -3.59
C ASP B 22 -9.29 11.26 -2.16
N PRO B 23 -10.17 12.20 -1.81
CA PRO B 23 -10.54 12.40 -0.41
C PRO B 23 -10.96 11.11 0.29
N PHE B 24 -10.42 10.89 1.49
CA PHE B 24 -10.62 9.65 2.23
C PHE B 24 -11.15 9.98 3.62
N CYS B 25 -11.38 8.93 4.40
CA CYS B 25 -11.96 9.14 5.76
C CYS B 25 -10.96 8.68 6.81
N ALA B 26 -10.60 9.57 7.73
CA ALA B 26 -9.61 9.23 8.78
C ALA B 26 -10.22 9.41 10.17
N LYS B 27 -9.70 8.69 11.16
CA LYS B 27 -10.17 8.83 12.56
C LYS B 27 -9.01 8.48 13.50
N GLN B 28 -8.82 9.28 14.56
CA GLN B 28 -7.80 8.93 15.58
C GLN B 28 -8.37 7.80 16.44
N GLN B 29 -7.66 6.68 16.54
CA GLN B 29 -8.15 5.52 17.33
C GLN B 29 -7.89 5.76 18.82
N SER B 30 -6.72 6.30 19.18
CA SER B 30 -6.38 6.46 20.62
C SER B 30 -5.45 7.66 20.85
N VAL B 31 -5.42 8.17 22.08
CA VAL B 31 -4.54 9.31 22.44
C VAL B 31 -3.30 8.77 23.16
N THR B 32 -3.23 7.45 23.34
CA THR B 32 -2.11 6.82 24.09
C THR B 32 -1.17 6.09 23.13
N GLY B 33 0.11 6.02 23.46
CA GLY B 33 1.07 5.28 22.64
C GLY B 33 0.69 3.82 22.51
N THR B 34 0.62 3.29 21.29
CA THR B 34 0.21 1.91 21.06
C THR B 34 1.17 1.25 20.07
N ASN B 35 1.46 -0.02 20.31
CA ASN B 35 2.37 -0.74 19.42
C ASN B 35 1.68 -1.03 18.08
N PHE B 36 2.49 -1.52 17.14
CA PHE B 36 2.04 -1.63 15.75
C PHE B 36 0.93 -2.66 15.59
N ALA B 37 1.12 -3.85 16.17
CA ALA B 37 0.13 -4.92 16.00
C ALA B 37 -1.21 -4.53 16.60
N THR B 38 -1.19 -3.95 17.81
CA THR B 38 -2.43 -3.52 18.44
C THR B 38 -3.06 -2.37 17.66
N SER B 39 -2.25 -1.44 17.16
CA SER B 39 -2.77 -0.37 16.31
C SER B 39 -3.55 -0.94 15.13
N MET B 40 -2.92 -1.87 14.40
CA MET B 40 -3.55 -2.44 13.22
C MET B 40 -4.80 -3.24 13.57
N THR B 41 -4.75 -4.02 14.65
CA THR B 41 -5.91 -4.81 15.04
C THR B 41 -7.08 -3.92 15.44
N GLN B 42 -6.81 -2.83 16.15
CA GLN B 42 -7.88 -1.93 16.55
C GLN B 42 -8.48 -1.23 15.34
N CYS B 43 -7.64 -0.82 14.40
CA CYS B 43 -8.16 -0.22 13.17
C CYS B 43 -9.03 -1.22 12.40
N LEU B 44 -8.54 -2.45 12.24
CA LEU B 44 -9.31 -3.48 11.54
C LEU B 44 -10.61 -3.80 12.26
N ASN B 45 -10.64 -3.69 13.58
CA ASN B 45 -11.85 -3.92 14.35
C ASN B 45 -12.75 -2.68 14.40
N ASN B 46 -12.28 -1.53 13.92
CA ASN B 46 -13.11 -0.34 13.79
C ASN B 46 -13.53 -0.08 12.35
N GLY B 47 -13.51 -1.10 11.50
CA GLY B 47 -13.98 -0.95 10.13
C GLY B 47 -13.03 -0.23 9.20
N GLY B 48 -11.77 -0.09 9.58
CA GLY B 48 -10.79 0.57 8.74
C GLY B 48 -9.42 -0.08 8.82
N LYS B 49 -8.38 0.62 8.37
CA LYS B 49 -7.03 0.10 8.44
C LYS B 49 -6.08 1.25 8.72
N LEU B 50 -4.85 0.92 9.07
CA LEU B 50 -3.83 1.93 9.29
C LEU B 50 -3.64 2.77 8.03
N CYS B 51 -3.56 4.09 8.22
CA CYS B 51 -3.30 4.99 7.11
C CYS B 51 -1.92 4.73 6.52
N ASP B 52 -1.82 4.73 5.20
CA ASP B 52 -0.54 4.55 4.56
C ASP B 52 0.24 5.87 4.60
N LEU B 53 1.38 5.92 3.91
CA LEU B 53 2.25 7.09 3.98
C LEU B 53 1.55 8.33 3.45
N GLN B 54 0.94 8.23 2.26
CA GLN B 54 0.36 9.40 1.63
C GLN B 54 -0.90 9.88 2.36
N GLU B 55 -1.64 8.95 2.99
CA GLU B 55 -2.78 9.38 3.79
C GLU B 55 -2.32 10.15 5.02
N ALA B 56 -1.21 9.72 5.65
CA ALA B 56 -0.67 10.48 6.77
C ALA B 56 -0.17 11.85 6.33
N VAL B 57 0.48 11.91 5.15
CA VAL B 57 0.95 13.19 4.64
C VAL B 57 -0.23 14.13 4.37
N GLY B 58 -1.32 13.57 3.83
CA GLY B 58 -2.50 14.39 3.59
C GLY B 58 -3.13 14.89 4.89
N MET B 59 -3.22 14.02 5.88
CA MET B 59 -3.80 14.42 7.17
C MET B 59 -2.92 15.45 7.88
N CYS B 60 -1.60 15.43 7.63
CA CYS B 60 -0.73 16.44 8.20
C CYS B 60 -0.86 17.76 7.46
N GLN B 61 -0.91 17.72 6.13
CA GLN B 61 -1.04 18.93 5.34
C GLN B 61 -2.37 19.62 5.58
N THR B 62 -3.44 18.84 5.81
CA THR B 62 -4.75 19.43 6.08
C THR B 62 -4.86 20.03 7.47
N GLY B 63 -4.05 19.56 8.42
CA GLY B 63 -4.18 19.99 9.79
C GLY B 63 -5.01 19.10 10.68
N PHE B 64 -5.64 18.07 10.12
CA PHE B 64 -6.35 17.08 10.94
C PHE B 64 -5.39 16.38 11.89
N ILE B 65 -4.11 16.33 11.55
CA ILE B 65 -3.06 15.84 12.45
C ILE B 65 -2.34 17.06 13.02
N PRO B 66 -2.42 17.33 14.32
CA PRO B 66 -1.77 18.52 14.87
C PRO B 66 -0.27 18.44 14.75
N SER B 67 0.38 19.59 14.91
CA SER B 67 1.83 19.66 14.80
C SER B 67 2.48 18.81 15.88
N ASN B 68 3.62 18.21 15.53
CA ASN B 68 4.39 17.34 16.42
C ASN B 68 3.57 16.11 16.80
N THR B 69 3.27 15.29 15.80
CA THR B 69 2.48 14.07 15.98
C THR B 69 3.16 12.91 15.29
N THR B 70 3.39 11.82 16.01
CA THR B 70 4.01 10.62 15.47
C THR B 70 2.97 9.51 15.40
N LEU B 71 2.81 8.91 14.23
CA LEU B 71 1.80 7.88 14.02
C LEU B 71 2.34 6.77 13.15
N TRP B 72 1.86 5.55 13.40
CA TRP B 72 2.20 4.42 12.55
C TRP B 72 1.64 4.62 11.15
N ILE B 73 2.35 4.09 10.15
CA ILE B 73 1.81 3.89 8.82
C ILE B 73 1.86 2.40 8.50
N SER B 74 1.27 2.04 7.36
CA SER B 74 0.98 0.65 7.04
C SER B 74 2.12 -0.05 6.29
N GLN B 75 3.34 0.48 6.35
CA GLN B 75 4.46 -0.13 5.66
C GLN B 75 5.47 -0.69 6.67
N LEU B 76 5.88 -1.93 6.45
CA LEU B 76 6.96 -2.52 7.24
C LEU B 76 8.29 -1.90 6.86
N ALA B 77 9.18 -1.83 7.84
CA ALA B 77 10.57 -1.45 7.60
C ALA B 77 11.50 -2.65 7.48
N ASP B 78 11.24 -3.68 8.28
CA ASP B 78 11.82 -5.01 8.08
C ASP B 78 10.79 -6.02 8.60
N ASN B 79 11.24 -7.26 8.83
CA ASN B 79 10.34 -8.26 9.39
C ASN B 79 9.91 -7.93 10.81
N SER B 80 10.69 -7.12 11.53
CA SER B 80 10.44 -6.85 12.93
C SER B 80 10.05 -5.39 13.19
N SER B 81 9.96 -4.56 12.17
CA SER B 81 9.78 -3.13 12.37
C SER B 81 8.76 -2.58 11.38
N ALA B 82 8.18 -1.44 11.74
CA ALA B 82 7.25 -0.73 10.90
C ALA B 82 7.59 0.76 10.91
N HIS B 83 7.20 1.44 9.84
CA HIS B 83 7.49 2.86 9.71
C HIS B 83 6.50 3.69 10.52
N VAL B 84 6.99 4.84 10.98
CA VAL B 84 6.17 5.88 11.57
C VAL B 84 6.40 7.16 10.79
N ILE B 85 5.43 8.06 10.89
CA ILE B 85 5.50 9.37 10.28
C ILE B 85 5.32 10.42 11.37
N ASN B 86 6.23 11.40 11.40
CA ASN B 86 6.11 12.54 12.28
C ASN B 86 5.70 13.77 11.48
N CYS B 87 4.73 14.51 12.04
CA CYS B 87 4.14 15.69 11.43
C CYS B 87 4.46 16.89 12.30
N THR B 88 5.08 17.91 11.70
CA THR B 88 5.50 19.11 12.43
C THR B 88 5.45 20.29 11.49
N SER B 89 4.72 21.33 11.87
CA SER B 89 4.65 22.59 11.11
C SER B 89 4.25 22.35 9.66
N GLY B 90 3.35 21.38 9.46
CA GLY B 90 2.86 21.09 8.13
C GLY B 90 3.78 20.25 7.27
N SER B 91 4.89 19.77 7.81
CA SER B 91 5.83 18.93 7.07
C SER B 91 5.95 17.57 7.73
N TRP B 92 6.39 16.58 6.95
CA TRP B 92 6.43 15.20 7.41
C TRP B 92 7.84 14.64 7.32
N SER B 93 8.14 13.69 8.20
CA SER B 93 9.40 12.97 8.19
C SER B 93 9.14 11.51 8.56
N ALA B 94 9.96 10.63 8.00
CA ALA B 94 9.77 9.19 8.19
C ALA B 94 10.77 8.63 9.18
N GLY B 95 10.31 7.68 9.99
CA GLY B 95 11.18 6.88 10.83
C GLY B 95 10.66 5.46 10.87
N PHE B 96 11.30 4.64 11.70
CA PHE B 96 10.81 3.28 11.87
C PHE B 96 11.16 2.78 13.27
N TYR B 97 10.38 1.81 13.73
CA TYR B 97 10.52 1.30 15.08
C TYR B 97 10.07 -0.14 15.12
N GLY B 98 10.55 -0.86 16.14
CA GLY B 98 10.12 -2.23 16.35
C GLY B 98 8.63 -2.29 16.64
N PHE B 99 8.04 -3.47 16.36
CA PHE B 99 6.61 -3.65 16.53
C PHE B 99 6.16 -3.31 17.95
N GLY B 100 6.87 -3.83 18.96
CA GLY B 100 6.49 -3.64 20.34
C GLY B 100 6.69 -2.24 20.87
N VAL B 101 7.32 -1.36 20.09
CA VAL B 101 7.59 0.00 20.57
C VAL B 101 6.29 0.81 20.57
N THR B 102 6.13 1.65 21.60
CA THR B 102 4.96 2.50 21.73
C THR B 102 5.32 3.98 21.87
N VAL B 103 6.60 4.34 21.80
CA VAL B 103 7.05 5.70 22.06
C VAL B 103 8.14 6.06 21.06
N ASP B 104 8.04 7.28 20.52
CA ASP B 104 9.05 7.83 19.62
C ASP B 104 9.66 9.04 20.33
N GLY B 105 10.77 8.80 21.03
CA GLY B 105 11.41 9.87 21.77
C GLY B 105 10.50 10.38 22.87
N SER B 106 10.12 11.66 22.75
CA SER B 106 9.20 12.27 23.71
C SER B 106 7.74 12.14 23.29
N ASN B 107 7.48 11.69 22.06
CA ASN B 107 6.16 11.56 21.45
C ASN B 107 5.65 10.14 21.57
N PRO B 108 4.36 9.96 21.86
CA PRO B 108 3.75 8.62 21.79
C PRO B 108 3.30 8.31 20.37
N ILE B 109 3.50 7.05 19.98
CA ILE B 109 3.15 6.61 18.63
C ILE B 109 1.65 6.32 18.63
N LEU B 110 0.84 7.25 18.06
CA LEU B 110 -0.61 7.19 18.10
C LEU B 110 -1.17 6.43 16.90
N PRO B 111 -2.26 5.69 17.10
CA PRO B 111 -2.86 4.95 15.99
C PRO B 111 -3.96 5.72 15.28
N TYR B 112 -3.79 5.92 13.97
CA TYR B 112 -4.81 6.54 13.12
C TYR B 112 -5.26 5.53 12.08
N CYS B 113 -6.55 5.53 11.77
CA CYS B 113 -7.14 4.59 10.83
C CYS B 113 -7.73 5.35 9.64
N CYS B 114 -7.64 4.72 8.46
CA CYS B 114 -8.17 5.31 7.24
C CYS B 114 -9.07 4.32 6.52
N LYS B 115 -9.97 4.85 5.69
CA LYS B 115 -10.81 4.03 4.84
C LYS B 115 -11.35 4.89 3.71
N GLY B 116 -11.96 4.21 2.73
CA GLY B 116 -12.43 4.91 1.55
C GLY B 116 -13.65 5.77 1.85
N ARG B 117 -13.72 6.90 1.15
CA ARG B 117 -14.90 7.76 1.20
C ARG B 117 -16.13 6.98 0.76
N ARG B 118 -17.23 7.19 1.47
CA ARG B 118 -18.48 6.51 1.11
C ARG B 118 -19.34 7.43 0.24
N PRO C 10 -21.37 -9.15 -2.54
CA PRO C 10 -20.39 -8.08 -2.76
C PRO C 10 -19.17 -8.50 -3.54
N CYS C 11 -18.92 -9.80 -3.70
CA CYS C 11 -17.75 -10.31 -4.39
C CYS C 11 -18.16 -11.09 -5.63
N ASP C 12 -17.26 -11.15 -6.60
CA ASP C 12 -17.51 -11.95 -7.80
C ASP C 12 -17.49 -13.43 -7.45
N SER C 13 -17.98 -14.25 -8.39
CA SER C 13 -18.00 -15.70 -8.20
C SER C 13 -16.58 -16.23 -8.01
N GLY C 14 -16.37 -16.96 -6.93
CA GLY C 14 -15.07 -17.50 -6.60
C GLY C 14 -14.33 -16.75 -5.51
N TRP C 15 -14.75 -15.52 -5.21
CA TRP C 15 -14.13 -14.71 -4.18
C TRP C 15 -14.94 -14.77 -2.90
N THR C 16 -14.31 -14.35 -1.81
CA THR C 16 -14.90 -14.43 -0.47
C THR C 16 -14.86 -13.07 0.19
N LEU C 17 -15.96 -12.68 0.83
CA LEU C 17 -16.02 -11.42 1.55
C LEU C 17 -15.32 -11.58 2.89
N ILE C 18 -14.20 -10.90 3.06
CA ILE C 18 -13.51 -10.82 4.34
C ILE C 18 -14.03 -9.61 5.09
N ASN C 19 -14.52 -9.85 6.30
CA ASN C 19 -15.15 -8.83 7.14
C ASN C 19 -14.17 -8.36 8.22
N LYS C 20 -13.14 -7.65 7.76
CA LYS C 20 -12.17 -7.02 8.64
C LYS C 20 -11.72 -5.71 8.01
N GLY C 21 -11.53 -4.69 8.84
CA GLY C 21 -11.27 -3.37 8.29
C GLY C 21 -12.45 -2.91 7.45
N ASP C 22 -12.16 -2.25 6.32
CA ASP C 22 -13.22 -2.04 5.35
C ASP C 22 -13.35 -3.34 4.56
N PRO C 23 -14.45 -4.08 4.74
CA PRO C 23 -14.55 -5.43 4.18
C PRO C 23 -14.19 -5.48 2.70
N PHE C 24 -13.42 -6.49 2.32
CA PHE C 24 -12.92 -6.62 0.96
C PHE C 24 -13.18 -8.03 0.47
N CYS C 25 -12.67 -8.36 -0.72
CA CYS C 25 -12.90 -9.67 -1.30
C CYS C 25 -11.56 -10.32 -1.61
N ALA C 26 -11.38 -11.55 -1.14
CA ALA C 26 -10.11 -12.25 -1.30
C ALA C 26 -10.33 -13.61 -1.92
N LYS C 27 -9.26 -14.16 -2.47
CA LYS C 27 -9.32 -15.48 -3.10
C LYS C 27 -7.94 -16.12 -3.05
N GLN C 28 -7.89 -17.36 -2.55
CA GLN C 28 -6.70 -18.18 -2.73
C GLN C 28 -6.61 -18.59 -4.19
N GLN C 29 -5.60 -18.10 -4.89
CA GLN C 29 -5.49 -18.31 -6.32
C GLN C 29 -4.84 -19.63 -6.68
N SER C 30 -3.93 -20.14 -5.85
CA SER C 30 -3.22 -21.37 -6.15
C SER C 30 -3.03 -22.19 -4.88
N VAL C 31 -2.85 -23.49 -5.07
CA VAL C 31 -2.38 -24.38 -4.01
C VAL C 31 -0.90 -24.71 -4.18
N THR C 32 -0.30 -24.36 -5.32
CA THR C 32 1.11 -24.58 -5.61
C THR C 32 1.94 -23.44 -5.05
N GLY C 33 3.16 -23.75 -4.65
CA GLY C 33 4.13 -22.72 -4.30
C GLY C 33 4.52 -21.93 -5.53
N THR C 34 4.30 -20.62 -5.50
CA THR C 34 4.53 -19.74 -6.64
C THR C 34 5.44 -18.60 -6.23
N ASN C 35 6.30 -18.16 -7.16
CA ASN C 35 7.21 -17.07 -6.85
C ASN C 35 6.46 -15.74 -6.84
N PHE C 36 7.18 -14.66 -6.55
CA PHE C 36 6.55 -13.37 -6.29
C PHE C 36 5.97 -12.77 -7.57
N ALA C 37 6.80 -12.64 -8.61
CA ALA C 37 6.33 -12.03 -9.85
C ALA C 37 5.21 -12.84 -10.48
N THR C 38 5.33 -14.17 -10.47
CA THR C 38 4.26 -15.01 -11.01
C THR C 38 2.99 -14.86 -10.19
N SER C 39 3.10 -14.79 -8.86
CA SER C 39 1.93 -14.58 -8.03
C SER C 39 1.23 -13.27 -8.38
N MET C 40 1.98 -12.18 -8.42
CA MET C 40 1.41 -10.87 -8.73
C MET C 40 0.75 -10.87 -10.10
N THR C 41 1.44 -11.42 -11.10
CA THR C 41 0.89 -11.43 -12.46
C THR C 41 -0.38 -12.26 -12.54
N GLN C 42 -0.38 -13.43 -11.89
CA GLN C 42 -1.58 -14.30 -11.89
C GLN C 42 -2.76 -13.52 -11.29
N CYS C 43 -2.53 -12.88 -10.15
CA CYS C 43 -3.60 -12.11 -9.46
C CYS C 43 -4.08 -10.94 -10.34
N LEU C 44 -3.15 -10.26 -11.02
CA LEU C 44 -3.52 -9.16 -11.90
C LEU C 44 -4.34 -9.65 -13.08
N ASN C 45 -4.03 -10.85 -13.58
CA ASN C 45 -4.82 -11.44 -14.66
C ASN C 45 -6.22 -11.85 -14.20
N ASN C 46 -6.41 -12.09 -12.91
CA ASN C 46 -7.70 -12.45 -12.35
C ASN C 46 -8.45 -11.25 -11.80
N GLY C 47 -8.20 -10.06 -12.34
CA GLY C 47 -8.91 -8.87 -11.91
C GLY C 47 -8.70 -8.46 -10.48
N GLY C 48 -7.55 -8.83 -9.89
CA GLY C 48 -7.25 -8.47 -8.52
C GLY C 48 -5.78 -8.19 -8.31
N LYS C 49 -5.37 -7.95 -7.06
CA LYS C 49 -3.98 -7.70 -6.74
C LYS C 49 -3.57 -8.55 -5.55
N LEU C 50 -2.26 -8.74 -5.42
CA LEU C 50 -1.74 -9.37 -4.21
C LEU C 50 -2.12 -8.53 -3.00
N CYS C 51 -2.67 -9.19 -1.98
CA CYS C 51 -3.15 -8.48 -0.79
C CYS C 51 -1.99 -7.81 -0.07
N ASP C 52 -2.29 -6.67 0.56
CA ASP C 52 -1.27 -5.95 1.32
C ASP C 52 -1.12 -6.59 2.70
N LEU C 53 -0.36 -5.92 3.58
CA LEU C 53 -0.09 -6.48 4.90
C LEU C 53 -1.35 -6.57 5.74
N GLN C 54 -2.12 -5.49 5.80
CA GLN C 54 -3.31 -5.47 6.65
C GLN C 54 -4.41 -6.40 6.13
N GLU C 55 -4.50 -6.55 4.80
CA GLU C 55 -5.46 -7.51 4.26
C GLU C 55 -5.07 -8.94 4.61
N ALA C 56 -3.77 -9.24 4.59
CA ALA C 56 -3.30 -10.55 5.02
C ALA C 56 -3.63 -10.77 6.49
N VAL C 57 -3.37 -9.77 7.34
CA VAL C 57 -3.66 -9.90 8.76
C VAL C 57 -5.16 -10.10 9.00
N GLY C 58 -5.99 -9.37 8.25
CA GLY C 58 -7.42 -9.52 8.39
C GLY C 58 -7.92 -10.90 7.97
N MET C 59 -7.42 -11.39 6.81
CA MET C 59 -7.80 -12.74 6.38
C MET C 59 -7.34 -13.79 7.38
N CYS C 60 -6.19 -13.57 8.03
CA CYS C 60 -5.74 -14.50 9.07
C CYS C 60 -6.62 -14.46 10.30
N GLN C 61 -7.05 -13.25 10.69
CA GLN C 61 -7.91 -13.12 11.86
C GLN C 61 -9.30 -13.68 11.61
N THR C 62 -9.78 -13.62 10.36
CA THR C 62 -11.08 -14.18 10.04
C THR C 62 -11.10 -15.70 10.05
N GLY C 63 -9.95 -16.34 9.88
CA GLY C 63 -9.91 -17.77 9.63
C GLY C 63 -10.01 -18.14 8.16
N PHE C 64 -10.08 -17.14 7.27
CA PHE C 64 -10.11 -17.43 5.84
C PHE C 64 -8.83 -18.09 5.37
N ILE C 65 -7.70 -17.71 5.95
CA ILE C 65 -6.41 -18.33 5.65
C ILE C 65 -6.21 -19.47 6.65
N PRO C 66 -5.96 -20.70 6.19
CA PRO C 66 -5.75 -21.81 7.12
C PRO C 66 -4.51 -21.60 7.98
N SER C 67 -4.52 -22.22 9.15
CA SER C 67 -3.43 -22.05 10.11
C SER C 67 -2.13 -22.60 9.54
N ASN C 68 -1.03 -21.90 9.85
CA ASN C 68 0.29 -22.19 9.30
C ASN C 68 0.28 -22.12 7.77
N THR C 69 -0.02 -20.94 7.24
CA THR C 69 0.00 -20.74 5.77
C THR C 69 0.85 -19.51 5.48
N THR C 70 1.71 -19.59 4.46
CA THR C 70 2.58 -18.44 4.09
C THR C 70 2.14 -17.90 2.73
N LEU C 71 1.98 -16.58 2.61
CA LEU C 71 1.53 -15.97 1.35
C LEU C 71 2.36 -14.73 1.06
N TRP C 72 2.49 -14.38 -0.23
CA TRP C 72 3.21 -13.14 -0.61
C TRP C 72 2.32 -11.92 -0.36
N ILE C 73 2.81 -10.93 0.38
CA ILE C 73 2.11 -9.66 0.47
C ILE C 73 2.76 -8.67 -0.49
N SER C 74 2.10 -7.54 -0.69
CA SER C 74 2.41 -6.65 -1.81
C SER C 74 3.64 -5.77 -1.59
N GLN C 75 4.26 -5.82 -0.42
CA GLN C 75 5.36 -4.91 -0.10
C GLN C 75 6.71 -5.51 -0.50
N LEU C 76 7.61 -4.64 -0.94
CA LEU C 76 8.98 -5.10 -1.29
C LEU C 76 9.84 -5.07 -0.03
N ALA C 77 10.81 -5.98 0.06
CA ALA C 77 11.77 -5.93 1.19
C ALA C 77 13.00 -5.19 0.67
N ASP C 78 13.22 -5.22 -0.65
CA ASP C 78 14.33 -4.48 -1.29
C ASP C 78 14.14 -4.58 -2.81
N ASN C 79 15.17 -4.26 -3.58
CA ASN C 79 15.06 -4.23 -5.06
C ASN C 79 14.86 -5.66 -5.60
N SER C 80 15.31 -6.69 -4.87
CA SER C 80 15.23 -8.04 -5.38
C SER C 80 14.48 -8.98 -4.45
N SER C 81 13.81 -8.46 -3.43
CA SER C 81 13.14 -9.30 -2.44
C SER C 81 11.76 -8.73 -2.13
N ALA C 82 10.91 -9.59 -1.59
CA ALA C 82 9.54 -9.23 -1.27
C ALA C 82 9.14 -9.90 0.04
N HIS C 83 8.17 -9.28 0.72
CA HIS C 83 7.74 -9.73 2.03
C HIS C 83 6.70 -10.84 1.93
N VAL C 84 6.81 -11.80 2.83
CA VAL C 84 5.80 -12.82 3.04
C VAL C 84 5.20 -12.62 4.42
N ILE C 85 3.95 -13.07 4.56
CA ILE C 85 3.27 -13.14 5.84
C ILE C 85 2.92 -14.59 6.11
N ASN C 86 3.30 -15.07 7.29
CA ASN C 86 2.86 -16.37 7.80
C ASN C 86 1.74 -16.16 8.79
N CYS C 87 0.70 -16.98 8.67
CA CYS C 87 -0.47 -16.95 9.54
C CYS C 87 -0.54 -18.27 10.29
N THR C 88 -0.56 -18.19 11.63
CA THR C 88 -0.62 -19.37 12.47
C THR C 88 -1.43 -19.04 13.72
N SER C 89 -2.45 -19.86 14.00
CA SER C 89 -3.26 -19.73 15.21
C SER C 89 -3.82 -18.32 15.38
N GLY C 90 -4.14 -17.67 14.27
CA GLY C 90 -4.69 -16.33 14.28
C GLY C 90 -3.67 -15.22 14.19
N SER C 91 -2.44 -15.45 14.64
CA SER C 91 -1.43 -14.42 14.67
C SER C 91 -0.58 -14.45 13.40
N TRP C 92 -0.05 -13.28 13.06
CA TRP C 92 0.75 -13.11 11.84
C TRP C 92 2.20 -12.84 12.19
N SER C 93 3.09 -13.23 11.28
CA SER C 93 4.52 -12.98 11.38
C SER C 93 5.04 -12.64 9.99
N ALA C 94 6.08 -11.82 9.94
CA ALA C 94 6.60 -11.30 8.69
C ALA C 94 7.96 -11.92 8.35
N GLY C 95 8.21 -12.08 7.05
CA GLY C 95 9.48 -12.53 6.55
C GLY C 95 9.71 -11.92 5.18
N PHE C 96 10.83 -12.26 4.57
CA PHE C 96 11.06 -11.83 3.19
C PHE C 96 11.90 -12.87 2.46
N TYR C 97 11.80 -12.82 1.13
CA TYR C 97 12.50 -13.78 0.29
C TYR C 97 12.80 -13.14 -1.07
N GLY C 98 13.81 -13.67 -1.75
CA GLY C 98 14.04 -13.28 -3.11
C GLY C 98 12.85 -13.61 -4.00
N PHE C 99 12.70 -12.81 -5.07
CA PHE C 99 11.52 -12.92 -5.93
C PHE C 99 11.29 -14.34 -6.43
N GLY C 100 12.34 -15.12 -6.61
CA GLY C 100 12.25 -16.45 -7.14
C GLY C 100 11.91 -17.55 -6.17
N VAL C 101 11.98 -17.28 -4.86
CA VAL C 101 11.68 -18.31 -3.87
C VAL C 101 10.20 -18.69 -3.95
N THR C 102 9.93 -19.99 -3.81
CA THR C 102 8.57 -20.50 -3.85
C THR C 102 8.15 -21.23 -2.58
N VAL C 103 9.07 -21.48 -1.64
CA VAL C 103 8.79 -22.28 -0.46
C VAL C 103 9.39 -21.58 0.76
N ASP C 104 8.54 -21.21 1.71
CA ASP C 104 8.99 -20.60 2.97
C ASP C 104 9.03 -21.70 4.03
N GLY C 105 10.20 -22.29 4.21
CA GLY C 105 10.37 -23.38 5.15
C GLY C 105 9.46 -24.56 4.86
N SER C 106 8.57 -24.87 5.79
CA SER C 106 7.63 -25.96 5.59
C SER C 106 6.40 -25.56 4.78
N ASN C 107 6.28 -24.28 4.42
CA ASN C 107 5.09 -23.77 3.76
C ASN C 107 5.42 -23.32 2.35
N PRO C 108 4.79 -23.89 1.32
CA PRO C 108 4.83 -23.26 0.00
C PRO C 108 4.15 -21.89 0.07
N ILE C 109 4.76 -20.91 -0.59
CA ILE C 109 4.23 -19.55 -0.59
C ILE C 109 3.11 -19.48 -1.63
N LEU C 110 1.87 -19.35 -1.16
CA LEU C 110 0.64 -19.35 -1.95
C LEU C 110 0.28 -17.94 -2.39
N PRO C 111 -0.17 -17.76 -3.63
CA PRO C 111 -0.68 -16.45 -4.06
C PRO C 111 -2.13 -16.25 -3.62
N TYR C 112 -2.37 -15.15 -2.91
CA TYR C 112 -3.70 -14.71 -2.52
C TYR C 112 -3.98 -13.37 -3.16
N CYS C 113 -5.13 -13.24 -3.82
CA CYS C 113 -5.56 -12.00 -4.45
C CYS C 113 -6.57 -11.31 -3.55
N CYS C 114 -6.53 -9.97 -3.56
CA CYS C 114 -7.57 -9.17 -2.93
C CYS C 114 -8.08 -8.13 -3.93
N LYS C 115 -9.30 -7.67 -3.69
CA LYS C 115 -9.92 -6.62 -4.50
C LYS C 115 -11.05 -6.01 -3.69
N GLY C 116 -11.60 -4.91 -4.23
CA GLY C 116 -12.64 -4.20 -3.54
C GLY C 116 -14.00 -4.85 -3.68
N ARG C 117 -14.95 -4.34 -2.90
CA ARG C 117 -16.32 -4.81 -2.99
C ARG C 117 -16.97 -4.32 -4.27
N ARG C 118 -17.86 -5.14 -4.82
CA ARG C 118 -18.56 -4.79 -6.05
C ARG C 118 -19.96 -4.27 -5.74
#